data_8SIG
#
_entry.id   8SIG
#
_cell.length_a   84.887
_cell.length_b   84.887
_cell.length_c   130.810
_cell.angle_alpha   90.00
_cell.angle_beta   90.00
_cell.angle_gamma   120.00
#
_symmetry.space_group_name_H-M   'P 32 2 1'
#
loop_
_entity.id
_entity.type
_entity.pdbx_description
1 polymer 'Histone-arginine methyltransferase CARM1'
2 non-polymer "5'-{(3-aminopropyl)[2-(benzylcarbamamido)ethyl]amino}-5'-deoxyadenosine"
3 non-polymer 'SODIUM ION'
4 non-polymer 'UNKNOWN ATOM OR ION'
5 water water
#
_entity_poly.entity_id   1
_entity_poly.type   'polypeptide(L)'
_entity_poly.pdbx_seq_one_letter_code
;MHHHHHHSSGRENLYFQGRTEESSAVQYFQFYGYLSQQQNMMQDYVRTGTYQRAILQNHTDFKDKIVLDVGCGSGILSFF
AAQAGARKIYAVEASTMAQHAEVLVKSNNLTDRIVVIPGKVEEVSLPEQVDIIISEPMGYMLFNERMLESYLHAKKYLKP
SGNMFPTIGDVHLAPFTDEQLYMEQFTKANFWYQPSFHGVDLSALRGAAVDEYFRQPVVDTFDIRILMAKSVKYTVNFLE
AKEGDLHRIEIPFKFHMLHSGLVHGLAFWFDVAFIGSIMTVWLSTAPTEPLTHWYQVRCLFQSPLFAKAGDTLSGTCLLI
ANKRQSYDISIVAQVDQTGSKSSNLLDLKNPFFRYTGTT
;
_entity_poly.pdbx_strand_id   A
#
# COMPACT_ATOMS: atom_id res chain seq x y z
C SER A 24 -17.21 -6.15 0.37
N ALA A 25 -18.19 -5.31 -0.03
CA ALA A 25 -18.23 -3.85 0.23
C ALA A 25 -18.86 -3.58 1.60
N VAL A 26 -19.87 -4.37 1.98
CA VAL A 26 -20.49 -4.37 3.34
C VAL A 26 -19.40 -4.70 4.38
N GLN A 27 -18.56 -5.72 4.09
CA GLN A 27 -17.46 -6.18 4.97
C GLN A 27 -16.38 -5.08 5.08
N TYR A 28 -16.04 -4.47 3.94
CA TYR A 28 -15.02 -3.39 3.86
C TYR A 28 -15.44 -2.23 4.79
N PHE A 29 -16.68 -1.75 4.66
CA PHE A 29 -17.19 -0.56 5.39
C PHE A 29 -17.51 -0.93 6.84
N GLN A 30 -17.94 -2.16 7.12
CA GLN A 30 -18.09 -2.65 8.51
C GLN A 30 -16.73 -2.57 9.21
N PHE A 31 -15.66 -3.06 8.54
CA PHE A 31 -14.29 -3.11 9.10
C PHE A 31 -13.88 -1.71 9.59
N TYR A 32 -14.15 -0.69 8.78
CA TYR A 32 -13.63 0.68 9.02
C TYR A 32 -14.57 1.44 9.96
N GLY A 33 -15.74 0.89 10.23
CA GLY A 33 -16.78 1.46 11.10
C GLY A 33 -16.40 1.33 12.58
N TYR A 34 -15.36 0.58 12.90
CA TYR A 34 -15.00 0.25 14.31
C TYR A 34 -13.98 1.23 14.85
N LEU A 35 -14.26 1.79 16.03
CA LEU A 35 -13.29 2.63 16.76
C LEU A 35 -12.02 1.83 17.06
N SER A 36 -12.11 0.52 17.32
CA SER A 36 -10.91 -0.29 17.60
C SER A 36 -9.96 -0.25 16.39
N GLN A 37 -10.50 -0.26 15.18
CA GLN A 37 -9.68 -0.22 13.95
C GLN A 37 -9.05 1.19 13.81
N GLN A 38 -9.82 2.24 14.08
CA GLN A 38 -9.27 3.62 14.01
C GLN A 38 -8.15 3.73 15.05
N GLN A 39 -8.36 3.22 16.28
CA GLN A 39 -7.32 3.25 17.33
C GLN A 39 -6.05 2.55 16.82
N ASN A 40 -6.20 1.38 16.21
CA ASN A 40 -5.06 0.57 15.73
C ASN A 40 -4.25 1.40 14.73
N MET A 41 -4.93 2.01 13.76
CA MET A 41 -4.27 2.82 12.72
C MET A 41 -3.61 4.06 13.33
N MET A 42 -4.29 4.73 14.27
CA MET A 42 -3.83 6.03 14.85
C MET A 42 -2.55 5.81 15.68
N GLN A 43 -2.33 4.56 16.12
CA GLN A 43 -1.14 4.15 16.91
C GLN A 43 0.06 3.77 16.03
N ASP A 44 -0.06 3.87 14.70
CA ASP A 44 1.13 3.93 13.83
C ASP A 44 1.68 5.35 13.93
N TYR A 45 2.70 5.55 14.75
CA TYR A 45 3.26 6.89 15.06
C TYR A 45 3.86 7.51 13.80
N VAL A 46 4.49 6.72 12.92
CA VAL A 46 5.09 7.25 11.67
C VAL A 46 3.96 7.84 10.81
N ARG A 47 2.87 7.10 10.64
CA ARG A 47 1.71 7.50 9.83
C ARG A 47 1.12 8.81 10.38
N THR A 48 0.79 8.83 11.67
CA THR A 48 0.19 10.04 12.27
C THR A 48 1.18 11.22 12.20
N GLY A 49 2.40 11.03 12.69
CA GLY A 49 3.41 12.11 12.80
C GLY A 49 3.74 12.68 11.44
N THR A 50 3.83 11.82 10.42
CA THR A 50 4.25 12.26 9.07
C THR A 50 3.12 13.09 8.44
N TYR A 51 1.86 12.67 8.58
CA TYR A 51 0.73 13.43 8.01
C TYR A 51 0.65 14.79 8.70
N GLN A 52 0.86 14.82 10.02
CA GLN A 52 0.77 16.11 10.76
C GLN A 52 1.88 17.04 10.29
N ARG A 53 3.11 16.53 10.14
N ARG A 53 3.10 16.52 10.13
CA ARG A 53 4.28 17.34 9.72
CA ARG A 53 4.31 17.28 9.72
C ARG A 53 4.02 17.85 8.29
C ARG A 53 4.10 17.81 8.29
N ALA A 54 3.58 16.97 7.39
CA ALA A 54 3.30 17.33 5.98
C ALA A 54 2.36 18.54 5.93
N ILE A 55 1.26 18.47 6.68
CA ILE A 55 0.18 19.47 6.62
C ILE A 55 0.66 20.75 7.30
N LEU A 56 1.24 20.64 8.51
CA LEU A 56 1.55 21.83 9.35
C LEU A 56 2.82 22.54 8.87
N GLN A 57 3.83 21.81 8.36
N GLN A 57 3.81 21.84 8.34
CA GLN A 57 5.04 22.44 7.76
CA GLN A 57 5.02 22.50 7.79
C GLN A 57 4.65 23.22 6.50
C GLN A 57 4.65 23.24 6.50
N ASN A 58 3.52 22.86 5.88
CA ASN A 58 2.96 23.53 4.67
C ASN A 58 1.69 24.32 5.06
N HIS A 59 1.66 24.93 6.25
CA HIS A 59 0.41 25.55 6.79
C HIS A 59 -0.06 26.67 5.84
N THR A 60 0.86 27.39 5.19
CA THR A 60 0.53 28.49 4.23
C THR A 60 -0.30 27.92 3.08
N ASP A 61 -0.16 26.62 2.75
CA ASP A 61 -0.95 25.95 1.67
C ASP A 61 -2.39 25.64 2.11
N PHE A 62 -2.68 25.67 3.41
CA PHE A 62 -4.01 25.36 3.97
C PHE A 62 -4.73 26.61 4.49
N LYS A 63 -3.97 27.59 4.97
CA LYS A 63 -4.54 28.79 5.65
C LYS A 63 -5.55 29.46 4.73
N ASP A 64 -6.78 29.62 5.20
CA ASP A 64 -7.91 30.29 4.51
C ASP A 64 -8.33 29.51 3.25
N LYS A 65 -7.97 28.22 3.11
CA LYS A 65 -8.31 27.41 1.92
C LYS A 65 -9.50 26.50 2.20
N ILE A 66 -10.03 25.92 1.12
CA ILE A 66 -11.15 24.93 1.11
C ILE A 66 -10.50 23.56 0.92
N VAL A 67 -10.83 22.60 1.78
CA VAL A 67 -10.15 21.27 1.81
C VAL A 67 -11.22 20.19 1.67
N LEU A 68 -10.88 19.11 0.94
CA LEU A 68 -11.64 17.85 0.93
C LEU A 68 -10.77 16.76 1.57
N ASP A 69 -11.30 16.11 2.60
CA ASP A 69 -10.68 14.93 3.28
C ASP A 69 -11.46 13.70 2.81
N VAL A 70 -10.86 12.90 1.94
CA VAL A 70 -11.50 11.72 1.31
C VAL A 70 -11.30 10.52 2.23
N GLY A 71 -12.39 9.89 2.68
CA GLY A 71 -12.36 8.74 3.60
C GLY A 71 -11.77 9.15 4.93
N CYS A 72 -12.39 10.15 5.58
CA CYS A 72 -11.79 10.90 6.71
C CYS A 72 -11.65 10.01 7.97
N GLY A 73 -12.36 8.88 8.04
CA GLY A 73 -12.33 8.06 9.25
C GLY A 73 -12.76 8.88 10.45
N SER A 74 -11.96 8.88 11.52
CA SER A 74 -12.27 9.62 12.76
C SER A 74 -12.15 11.13 12.56
N GLY A 75 -11.52 11.57 11.46
CA GLY A 75 -11.45 12.99 11.10
C GLY A 75 -10.10 13.63 11.35
N ILE A 76 -9.11 12.90 11.88
CA ILE A 76 -7.80 13.47 12.28
C ILE A 76 -7.22 14.39 11.19
N LEU A 77 -7.22 13.99 9.91
CA LEU A 77 -6.60 14.88 8.88
C LEU A 77 -7.36 16.21 8.76
N SER A 78 -8.68 16.19 8.90
CA SER A 78 -9.53 17.41 8.88
C SER A 78 -9.16 18.31 10.07
N PHE A 79 -8.87 17.72 11.25
CA PHE A 79 -8.36 18.48 12.43
C PHE A 79 -6.99 19.06 12.12
N PHE A 80 -6.12 18.33 11.41
CA PHE A 80 -4.79 18.86 11.03
C PHE A 80 -4.96 20.03 10.04
N ALA A 81 -5.86 19.91 9.08
CA ALA A 81 -6.19 21.00 8.11
C ALA A 81 -6.66 22.23 8.91
N ALA A 82 -7.54 22.03 9.89
CA ALA A 82 -8.06 23.10 10.78
C ALA A 82 -6.92 23.75 11.57
N GLN A 83 -5.97 22.95 12.08
CA GLN A 83 -4.78 23.41 12.82
C GLN A 83 -3.96 24.37 11.95
N ALA A 84 -3.98 24.16 10.63
CA ALA A 84 -3.17 24.94 9.67
C ALA A 84 -3.97 26.16 9.17
N GLY A 85 -5.18 26.35 9.68
CA GLY A 85 -6.03 27.54 9.43
C GLY A 85 -6.90 27.44 8.19
N ALA A 86 -7.23 26.23 7.70
CA ALA A 86 -8.16 26.03 6.58
C ALA A 86 -9.51 26.69 6.92
N ARG A 87 -10.15 27.32 5.93
CA ARG A 87 -11.43 28.03 6.16
C ARG A 87 -12.58 27.03 6.23
N LYS A 88 -12.63 26.05 5.33
CA LYS A 88 -13.74 25.08 5.25
C LYS A 88 -13.17 23.71 4.85
N ILE A 89 -13.52 22.68 5.59
CA ILE A 89 -13.02 21.29 5.33
C ILE A 89 -14.24 20.39 5.18
N TYR A 90 -14.39 19.78 4.02
CA TYR A 90 -15.42 18.76 3.73
C TYR A 90 -14.79 17.40 4.02
N ALA A 91 -15.30 16.73 5.03
CA ALA A 91 -14.76 15.43 5.48
C ALA A 91 -15.77 14.33 5.11
N VAL A 92 -15.42 13.53 4.09
CA VAL A 92 -16.35 12.56 3.47
C VAL A 92 -16.00 11.16 3.98
N GLU A 93 -16.98 10.42 4.44
CA GLU A 93 -16.75 9.10 5.08
C GLU A 93 -17.98 8.21 4.83
N ALA A 94 -17.78 7.04 4.22
CA ALA A 94 -18.86 6.13 3.77
C ALA A 94 -19.28 5.17 4.89
N SER A 95 -18.39 4.88 5.85
CA SER A 95 -18.68 3.96 6.99
C SER A 95 -19.41 4.70 8.11
N THR A 96 -19.91 3.98 9.10
CA THR A 96 -20.57 4.56 10.31
C THR A 96 -19.53 5.31 11.16
N MET A 97 -18.25 5.29 10.82
CA MET A 97 -17.20 6.10 11.49
C MET A 97 -17.56 7.59 11.30
N ALA A 98 -18.35 7.92 10.26
CA ALA A 98 -18.77 9.31 10.00
C ALA A 98 -19.47 9.91 11.23
N GLN A 99 -20.28 9.13 11.94
CA GLN A 99 -21.02 9.60 13.15
C GLN A 99 -20.00 9.95 14.26
N HIS A 100 -18.92 9.19 14.38
CA HIS A 100 -17.88 9.41 15.42
C HIS A 100 -17.05 10.67 15.07
N ALA A 101 -16.68 10.86 13.79
CA ALA A 101 -16.01 12.09 13.31
C ALA A 101 -16.85 13.31 13.72
N GLU A 102 -18.15 13.23 13.53
CA GLU A 102 -19.10 14.35 13.79
C GLU A 102 -19.07 14.68 15.30
N VAL A 103 -19.03 13.67 16.18
CA VAL A 103 -18.90 13.87 17.65
C VAL A 103 -17.59 14.62 17.98
N LEU A 104 -16.47 14.27 17.36
CA LEU A 104 -15.18 14.97 17.62
C LEU A 104 -15.25 16.41 17.07
N VAL A 105 -15.92 16.63 15.94
CA VAL A 105 -15.97 17.99 15.34
C VAL A 105 -16.67 18.91 16.36
N LYS A 106 -17.80 18.47 16.88
CA LYS A 106 -18.60 19.20 17.90
C LYS A 106 -17.78 19.40 19.18
N SER A 107 -17.12 18.37 19.67
CA SER A 107 -16.41 18.41 20.98
C SER A 107 -15.12 19.25 20.89
N ASN A 108 -14.56 19.44 19.68
CA ASN A 108 -13.32 20.22 19.45
C ASN A 108 -13.71 21.63 18.94
N ASN A 109 -15.00 21.95 18.93
CA ASN A 109 -15.57 23.30 18.68
C ASN A 109 -15.24 23.75 17.24
N LEU A 110 -15.42 22.86 16.25
CA LEU A 110 -15.01 23.11 14.84
C LEU A 110 -16.19 22.89 13.88
N THR A 111 -17.43 22.98 14.35
CA THR A 111 -18.64 22.83 13.48
C THR A 111 -18.70 24.00 12.46
N ASP A 112 -17.97 25.10 12.71
CA ASP A 112 -17.90 26.27 11.78
C ASP A 112 -17.03 25.94 10.56
N ARG A 113 -16.07 25.02 10.73
N ARG A 113 -16.03 25.07 10.71
CA ARG A 113 -14.89 24.88 9.83
CA ARG A 113 -15.03 24.86 9.63
C ARG A 113 -14.78 23.46 9.24
C ARG A 113 -15.15 23.44 9.07
N ILE A 114 -15.35 22.44 9.92
CA ILE A 114 -15.36 21.04 9.42
C ILE A 114 -16.80 20.59 9.24
N VAL A 115 -17.14 20.20 8.02
CA VAL A 115 -18.48 19.65 7.65
C VAL A 115 -18.30 18.17 7.32
N VAL A 116 -18.84 17.29 8.16
CA VAL A 116 -18.78 15.83 7.92
C VAL A 116 -19.92 15.45 6.98
N ILE A 117 -19.60 14.83 5.84
CA ILE A 117 -20.58 14.36 4.84
C ILE A 117 -20.54 12.84 4.80
N PRO A 118 -21.58 12.15 5.33
CA PRO A 118 -21.68 10.71 5.27
C PRO A 118 -22.01 10.24 3.84
N GLY A 119 -21.22 9.31 3.32
CA GLY A 119 -21.48 8.68 2.01
C GLY A 119 -20.20 8.45 1.27
N LYS A 120 -20.32 7.91 0.05
CA LYS A 120 -19.19 7.64 -0.84
C LYS A 120 -18.85 8.92 -1.57
N VAL A 121 -17.57 9.18 -1.76
CA VAL A 121 -17.07 10.42 -2.44
C VAL A 121 -17.58 10.42 -3.90
N GLU A 122 -17.93 9.23 -4.44
CA GLU A 122 -18.43 9.06 -5.82
C GLU A 122 -19.89 9.51 -5.91
N GLU A 123 -20.61 9.53 -4.78
CA GLU A 123 -22.09 9.66 -4.73
C GLU A 123 -22.54 10.95 -4.02
N VAL A 124 -21.71 11.56 -3.18
CA VAL A 124 -22.11 12.76 -2.37
C VAL A 124 -22.05 14.01 -3.25
N SER A 125 -22.67 15.10 -2.78
CA SER A 125 -22.62 16.47 -3.35
C SER A 125 -21.77 17.36 -2.44
N LEU A 126 -20.73 17.99 -3.00
CA LEU A 126 -20.01 19.12 -2.36
C LEU A 126 -20.60 20.42 -2.93
N PRO A 127 -20.76 21.47 -2.10
CA PRO A 127 -21.37 22.72 -2.56
C PRO A 127 -20.38 23.63 -3.29
N GLU A 128 -19.10 23.26 -3.34
CA GLU A 128 -18.04 24.07 -3.98
C GLU A 128 -16.82 23.21 -4.29
N GLN A 129 -15.94 23.72 -5.14
CA GLN A 129 -14.64 23.09 -5.49
C GLN A 129 -13.63 23.43 -4.41
N VAL A 130 -12.55 22.66 -4.34
CA VAL A 130 -11.59 22.74 -3.21
C VAL A 130 -10.18 23.08 -3.71
N ASP A 131 -9.40 23.69 -2.83
CA ASP A 131 -7.98 24.05 -3.08
C ASP A 131 -7.13 22.80 -2.94
N ILE A 132 -7.49 21.88 -2.05
CA ILE A 132 -6.58 20.75 -1.74
C ILE A 132 -7.38 19.53 -1.29
N ILE A 133 -6.95 18.36 -1.75
CA ILE A 133 -7.52 17.05 -1.33
C ILE A 133 -6.47 16.37 -0.45
N ILE A 134 -6.90 15.91 0.72
CA ILE A 134 -6.05 15.13 1.66
C ILE A 134 -6.72 13.77 1.87
N SER A 135 -5.92 12.74 1.97
CA SER A 135 -6.41 11.35 2.15
C SER A 135 -5.28 10.48 2.67
N GLU A 136 -5.63 9.33 3.22
CA GLU A 136 -4.69 8.21 3.44
C GLU A 136 -5.26 6.99 2.73
N PRO A 137 -5.03 6.86 1.41
CA PRO A 137 -5.61 5.77 0.62
C PRO A 137 -4.67 4.60 0.30
N MET A 138 -3.55 4.49 1.01
CA MET A 138 -2.47 3.55 0.66
C MET A 138 -2.75 2.18 1.30
N GLY A 139 -2.66 1.11 0.50
CA GLY A 139 -2.71 -0.26 1.00
C GLY A 139 -1.35 -0.90 1.04
N TYR A 140 -1.27 -2.18 1.40
CA TYR A 140 -0.06 -2.98 1.17
C TYR A 140 0.37 -2.80 -0.30
N MET A 141 1.68 -2.70 -0.53
CA MET A 141 2.29 -2.48 -1.88
C MET A 141 1.69 -1.24 -2.55
N LEU A 142 1.28 -0.24 -1.76
CA LEU A 142 0.59 1.03 -2.15
C LEU A 142 -0.83 0.76 -2.65
N PHE A 143 -1.00 -0.14 -3.62
CA PHE A 143 -2.21 -0.22 -4.46
C PHE A 143 -3.36 -1.00 -3.78
N ASN A 144 -3.09 -1.83 -2.79
CA ASN A 144 -4.12 -2.79 -2.27
C ASN A 144 -5.16 -2.05 -1.42
N GLU A 145 -6.01 -1.20 -2.01
CA GLU A 145 -7.02 -0.37 -1.28
C GLU A 145 -8.03 0.16 -2.30
N ARG A 146 -9.31 -0.23 -2.20
CA ARG A 146 -10.33 0.34 -3.13
C ARG A 146 -10.37 1.89 -3.01
N MET A 147 -9.76 2.48 -1.97
CA MET A 147 -9.77 3.95 -1.71
C MET A 147 -8.90 4.72 -2.73
N LEU A 148 -7.83 4.13 -3.23
CA LEU A 148 -6.89 4.89 -4.10
C LEU A 148 -7.61 5.36 -5.38
N GLU A 149 -8.45 4.50 -5.97
CA GLU A 149 -9.28 4.88 -7.13
C GLU A 149 -10.28 5.97 -6.69
N SER A 150 -10.81 5.88 -5.47
CA SER A 150 -11.76 6.88 -4.91
C SER A 150 -11.05 8.23 -4.71
N TYR A 151 -9.80 8.19 -4.27
CA TYR A 151 -8.94 9.39 -4.13
C TYR A 151 -8.81 10.08 -5.49
N LEU A 152 -8.54 9.31 -6.54
CA LEU A 152 -8.36 9.89 -7.90
C LEU A 152 -9.71 10.39 -8.42
N HIS A 153 -10.80 9.70 -8.09
CA HIS A 153 -12.18 10.11 -8.46
C HIS A 153 -12.50 11.49 -7.88
N ALA A 154 -12.06 11.75 -6.64
CA ALA A 154 -12.31 13.00 -5.89
C ALA A 154 -11.79 14.22 -6.66
N LYS A 155 -10.87 14.05 -7.61
CA LYS A 155 -10.24 15.19 -8.34
C LYS A 155 -11.32 15.97 -9.12
N LYS A 156 -12.50 15.40 -9.34
CA LYS A 156 -13.63 16.10 -9.97
C LYS A 156 -13.96 17.35 -9.13
N TYR A 157 -13.60 17.37 -7.84
CA TYR A 157 -13.89 18.53 -6.95
C TYR A 157 -12.71 19.48 -6.86
N LEU A 158 -11.56 19.16 -7.47
CA LEU A 158 -10.31 19.94 -7.29
C LEU A 158 -10.29 21.12 -8.27
N LYS A 159 -10.05 22.33 -7.78
CA LYS A 159 -9.81 23.54 -8.63
C LYS A 159 -8.58 23.29 -9.51
N PRO A 160 -8.48 23.97 -10.68
N PRO A 160 -8.52 23.87 -10.73
CA PRO A 160 -7.45 23.64 -11.65
CA PRO A 160 -7.24 24.01 -11.43
C PRO A 160 -6.06 23.78 -11.03
C PRO A 160 -6.15 24.60 -10.52
N SER A 161 -5.90 24.77 -10.14
N SER A 161 -4.93 24.07 -10.63
CA SER A 161 -4.63 25.15 -9.46
CA SER A 161 -3.80 24.35 -9.71
C SER A 161 -4.29 24.18 -8.31
C SER A 161 -4.27 24.18 -8.24
N GLY A 162 -5.22 23.27 -7.99
CA GLY A 162 -5.34 22.62 -6.66
C GLY A 162 -4.27 21.58 -6.44
N ASN A 163 -4.08 21.13 -5.20
CA ASN A 163 -3.00 20.18 -4.84
C ASN A 163 -3.62 18.93 -4.22
N MET A 164 -2.84 17.86 -4.15
N MET A 164 -2.84 17.84 -4.20
CA MET A 164 -3.24 16.61 -3.46
CA MET A 164 -3.16 16.52 -3.59
C MET A 164 -2.13 16.18 -2.51
C MET A 164 -2.11 16.19 -2.52
N PHE A 165 -2.55 15.72 -1.34
CA PHE A 165 -1.67 15.34 -0.21
C PHE A 165 -2.13 13.96 0.25
N PRO A 166 -1.48 12.85 -0.15
CA PRO A 166 -0.19 12.88 -0.86
C PRO A 166 -0.26 13.23 -2.35
N THR A 167 0.88 13.63 -2.90
CA THR A 167 0.99 14.16 -4.29
C THR A 167 1.44 13.06 -5.24
N ILE A 168 2.45 12.28 -4.84
CA ILE A 168 2.97 11.14 -5.65
C ILE A 168 3.15 9.91 -4.77
N GLY A 169 3.24 8.75 -5.40
CA GLY A 169 3.56 7.48 -4.76
C GLY A 169 4.63 6.75 -5.55
N ASP A 170 5.65 6.25 -4.86
CA ASP A 170 6.75 5.44 -5.45
C ASP A 170 6.63 4.02 -4.90
N VAL A 171 6.40 3.03 -5.76
CA VAL A 171 6.50 1.60 -5.37
C VAL A 171 7.91 1.12 -5.68
N HIS A 172 8.58 0.52 -4.70
CA HIS A 172 9.95 -0.01 -4.85
C HIS A 172 9.88 -1.55 -4.87
N LEU A 173 10.63 -2.14 -5.80
N LEU A 173 10.60 -2.18 -5.79
CA LEU A 173 10.85 -3.61 -5.98
CA LEU A 173 10.81 -3.65 -5.74
C LEU A 173 12.35 -3.87 -5.83
C LEU A 173 12.30 -3.91 -5.85
N ALA A 174 12.74 -4.93 -5.12
CA ALA A 174 14.16 -5.37 -5.07
C ALA A 174 14.21 -6.87 -4.89
N PRO A 175 15.17 -7.56 -5.53
CA PRO A 175 15.34 -9.00 -5.34
C PRO A 175 15.85 -9.29 -3.94
N PHE A 176 15.38 -10.38 -3.32
CA PHE A 176 15.84 -10.77 -1.98
C PHE A 176 16.30 -12.22 -1.97
N THR A 177 17.12 -12.55 -1.00
CA THR A 177 17.62 -13.91 -0.72
C THR A 177 17.19 -14.21 0.70
N ASP A 178 16.37 -15.25 0.91
CA ASP A 178 15.96 -15.65 2.27
C ASP A 178 15.55 -17.13 2.22
N GLU A 179 16.50 -18.03 2.43
CA GLU A 179 16.18 -19.48 2.36
C GLU A 179 15.28 -19.90 3.54
N GLN A 180 15.31 -19.21 4.68
CA GLN A 180 14.41 -19.52 5.82
C GLN A 180 12.94 -19.34 5.36
N LEU A 181 12.64 -18.23 4.69
CA LEU A 181 11.25 -17.95 4.25
C LEU A 181 10.84 -19.00 3.23
N TYR A 182 11.72 -19.28 2.27
CA TYR A 182 11.51 -20.30 1.22
C TYR A 182 11.20 -21.67 1.86
N MET A 183 12.07 -22.15 2.76
N MET A 183 12.07 -22.12 2.76
CA MET A 183 11.94 -23.50 3.35
CA MET A 183 11.98 -23.45 3.40
C MET A 183 10.67 -23.58 4.23
C MET A 183 10.69 -23.54 4.25
N GLU A 184 10.25 -22.46 4.82
N GLU A 184 10.25 -22.41 4.81
CA GLU A 184 9.04 -22.42 5.70
CA GLU A 184 9.07 -22.34 5.71
C GLU A 184 7.82 -22.88 4.91
C GLU A 184 7.80 -22.78 4.94
N GLN A 185 7.73 -22.51 3.63
CA GLN A 185 6.55 -22.88 2.79
C GLN A 185 6.43 -24.41 2.73
N PHE A 186 7.54 -25.13 2.64
CA PHE A 186 7.55 -26.60 2.61
C PHE A 186 7.24 -27.13 4.01
N THR A 187 7.83 -26.54 5.04
CA THR A 187 7.66 -26.99 6.44
C THR A 187 6.18 -26.90 6.81
N LYS A 188 5.50 -25.83 6.42
CA LYS A 188 4.07 -25.62 6.78
C LYS A 188 3.19 -26.69 6.10
N ALA A 189 3.61 -27.21 4.95
CA ALA A 189 2.87 -28.21 4.16
C ALA A 189 3.19 -29.65 4.65
N ASN A 190 4.14 -29.81 5.59
CA ASN A 190 4.60 -31.13 6.10
C ASN A 190 3.41 -31.95 6.61
N PHE A 191 2.44 -31.28 7.21
CA PHE A 191 1.17 -31.88 7.72
C PHE A 191 0.64 -32.89 6.70
N TRP A 192 0.66 -32.50 5.43
CA TRP A 192 -0.01 -33.24 4.32
C TRP A 192 0.83 -34.46 3.90
N TYR A 193 2.04 -34.67 4.44
CA TYR A 193 2.84 -35.87 4.08
C TYR A 193 2.27 -37.12 4.73
N GLN A 194 1.48 -36.97 5.79
CA GLN A 194 1.05 -38.08 6.67
C GLN A 194 0.40 -39.19 5.85
N PRO A 195 1.03 -40.39 5.80
CA PRO A 195 0.43 -41.54 5.13
C PRO A 195 -0.74 -42.19 5.88
N SER A 196 -0.83 -42.01 7.21
CA SER A 196 -1.95 -42.50 8.06
C SER A 196 -2.39 -41.44 9.07
N PHE A 197 -3.02 -40.39 8.59
CA PHE A 197 -3.78 -39.44 9.45
C PHE A 197 -5.13 -40.09 9.78
N HIS A 198 -5.26 -40.69 10.96
CA HIS A 198 -6.51 -41.41 11.35
C HIS A 198 -6.91 -42.36 10.21
N GLY A 199 -5.93 -43.06 9.64
CA GLY A 199 -6.13 -44.08 8.58
C GLY A 199 -6.30 -43.50 7.18
N VAL A 200 -6.06 -42.20 6.98
CA VAL A 200 -6.14 -41.52 5.65
C VAL A 200 -4.73 -41.11 5.21
N ASP A 201 -4.40 -41.41 3.96
CA ASP A 201 -3.13 -40.97 3.32
C ASP A 201 -3.34 -39.58 2.74
N LEU A 202 -2.73 -38.56 3.35
CA LEU A 202 -2.92 -37.14 2.94
C LEU A 202 -1.91 -36.73 1.88
N SER A 203 -0.88 -37.56 1.61
CA SER A 203 0.33 -37.17 0.85
C SER A 203 0.02 -36.62 -0.56
N ALA A 204 -1.07 -37.03 -1.23
CA ALA A 204 -1.35 -36.59 -2.60
C ALA A 204 -1.64 -35.06 -2.61
N LEU A 205 -1.92 -34.43 -1.46
CA LEU A 205 -2.25 -32.99 -1.41
C LEU A 205 -1.03 -32.14 -1.00
N ARG A 206 0.12 -32.76 -0.72
CA ARG A 206 1.29 -31.98 -0.23
C ARG A 206 1.68 -30.93 -1.27
N GLY A 207 1.75 -31.29 -2.55
CA GLY A 207 2.09 -30.38 -3.65
C GLY A 207 1.15 -29.19 -3.71
N ALA A 208 -0.17 -29.44 -3.68
CA ALA A 208 -1.20 -28.40 -3.69
C ALA A 208 -1.02 -27.47 -2.49
N ALA A 209 -0.69 -28.01 -1.32
CA ALA A 209 -0.55 -27.23 -0.06
C ALA A 209 0.65 -26.29 -0.22
N VAL A 210 1.75 -26.80 -0.75
CA VAL A 210 2.98 -25.96 -0.98
C VAL A 210 2.64 -24.85 -1.96
N ASP A 211 1.97 -25.20 -3.05
N ASP A 211 1.99 -25.17 -3.08
CA ASP A 211 1.60 -24.24 -4.11
CA ASP A 211 1.62 -24.19 -4.14
C ASP A 211 0.76 -23.11 -3.52
C ASP A 211 0.76 -23.09 -3.51
N GLU A 212 -0.21 -23.45 -2.66
CA GLU A 212 -1.10 -22.46 -2.03
C GLU A 212 -0.27 -21.48 -1.20
N TYR A 213 0.68 -21.98 -0.42
CA TYR A 213 1.54 -21.14 0.46
C TYR A 213 2.37 -20.18 -0.42
N PHE A 214 2.91 -20.69 -1.52
CA PHE A 214 3.76 -19.88 -2.45
C PHE A 214 2.93 -18.74 -3.05
N ARG A 215 1.60 -18.89 -3.20
CA ARG A 215 0.77 -17.87 -3.88
C ARG A 215 0.31 -16.78 -2.91
N GLN A 216 0.69 -16.85 -1.64
CA GLN A 216 0.40 -15.77 -0.65
C GLN A 216 1.57 -14.79 -0.58
N PRO A 217 1.34 -13.49 -0.86
CA PRO A 217 2.34 -12.46 -0.56
C PRO A 217 2.57 -12.45 0.96
N VAL A 218 3.81 -12.27 1.36
CA VAL A 218 4.23 -12.36 2.77
C VAL A 218 4.36 -10.95 3.35
N VAL A 219 3.58 -10.62 4.37
CA VAL A 219 3.62 -9.27 5.00
C VAL A 219 4.41 -9.40 6.29
N ASP A 220 5.61 -8.82 6.32
CA ASP A 220 6.46 -8.75 7.53
C ASP A 220 7.63 -7.85 7.20
N THR A 221 8.56 -7.71 8.12
CA THR A 221 9.77 -6.92 7.89
C THR A 221 10.95 -7.89 7.88
N PHE A 222 12.12 -7.38 7.59
CA PHE A 222 13.34 -8.17 7.33
C PHE A 222 14.54 -7.24 7.40
N ASP A 223 15.71 -7.82 7.59
CA ASP A 223 17.03 -7.14 7.57
C ASP A 223 17.33 -6.73 6.13
N ILE A 224 17.81 -5.51 5.92
CA ILE A 224 18.15 -5.01 4.56
C ILE A 224 19.26 -5.85 3.92
N ARG A 225 19.99 -6.66 4.72
N ARG A 225 20.01 -6.63 4.72
CA ARG A 225 21.08 -7.54 4.20
CA ARG A 225 21.07 -7.56 4.25
C ARG A 225 20.53 -8.64 3.27
C ARG A 225 20.50 -8.51 3.17
N ILE A 226 19.21 -8.88 3.25
CA ILE A 226 18.60 -9.87 2.28
C ILE A 226 18.41 -9.25 0.90
N LEU A 227 18.51 -7.92 0.76
CA LEU A 227 18.28 -7.26 -0.55
C LEU A 227 19.56 -7.33 -1.39
N MET A 228 19.44 -7.82 -2.62
CA MET A 228 20.59 -8.22 -3.47
C MET A 228 20.88 -7.19 -4.56
N ALA A 229 20.04 -6.18 -4.73
CA ALA A 229 20.23 -5.12 -5.74
C ALA A 229 19.53 -3.86 -5.24
N LYS A 230 19.92 -2.71 -5.81
CA LYS A 230 19.22 -1.44 -5.58
C LYS A 230 17.82 -1.59 -6.15
N SER A 231 16.83 -1.05 -5.46
CA SER A 231 15.40 -1.12 -5.87
C SER A 231 15.18 -0.44 -7.22
N VAL A 232 14.19 -0.94 -7.95
CA VAL A 232 13.55 -0.24 -9.10
C VAL A 232 12.28 0.45 -8.57
N LYS A 233 11.92 1.57 -9.17
CA LYS A 233 10.84 2.47 -8.70
C LYS A 233 9.79 2.60 -9.80
N TYR A 234 8.52 2.42 -9.45
CA TYR A 234 7.37 2.79 -10.29
C TYR A 234 6.63 3.94 -9.61
N THR A 235 6.51 5.09 -10.30
CA THR A 235 5.94 6.34 -9.72
C THR A 235 4.55 6.58 -10.27
N VAL A 236 3.59 6.84 -9.38
CA VAL A 236 2.23 7.31 -9.74
C VAL A 236 2.15 8.76 -9.29
N ASN A 237 1.83 9.66 -10.23
CA ASN A 237 1.60 11.10 -9.94
C ASN A 237 0.10 11.27 -9.72
N PHE A 238 -0.35 11.43 -8.47
CA PHE A 238 -1.80 11.48 -8.16
C PHE A 238 -2.45 12.72 -8.81
N LEU A 239 -1.69 13.78 -9.06
CA LEU A 239 -2.18 15.01 -9.76
C LEU A 239 -2.60 14.65 -11.20
N GLU A 240 -1.95 13.65 -11.81
CA GLU A 240 -2.11 13.34 -13.27
C GLU A 240 -2.89 12.05 -13.48
N ALA A 241 -2.77 11.05 -12.59
CA ALA A 241 -3.31 9.70 -12.79
C ALA A 241 -4.83 9.74 -12.83
N LYS A 242 -5.41 8.89 -13.67
CA LYS A 242 -6.87 8.69 -13.80
C LYS A 242 -7.22 7.39 -13.07
N GLU A 243 -8.47 7.30 -12.60
N GLU A 243 -8.47 7.28 -12.61
CA GLU A 243 -9.05 6.11 -11.92
CA GLU A 243 -9.01 6.09 -11.89
C GLU A 243 -8.64 4.83 -12.65
C GLU A 243 -8.63 4.80 -12.65
N GLY A 244 -8.92 4.77 -13.96
CA GLY A 244 -8.67 3.60 -14.82
C GLY A 244 -7.21 3.20 -14.91
N ASP A 245 -6.27 4.10 -14.63
CA ASP A 245 -4.82 3.82 -14.71
C ASP A 245 -4.45 2.66 -13.77
N LEU A 246 -5.20 2.46 -12.68
CA LEU A 246 -4.84 1.55 -11.58
C LEU A 246 -5.37 0.13 -11.83
N HIS A 247 -6.06 -0.11 -12.94
CA HIS A 247 -6.69 -1.41 -13.23
C HIS A 247 -5.60 -2.40 -13.62
N ARG A 248 -4.59 -1.92 -14.32
CA ARG A 248 -3.46 -2.75 -14.81
CA ARG A 248 -3.46 -2.74 -14.81
C ARG A 248 -2.16 -1.95 -14.63
N ILE A 249 -1.26 -2.46 -13.79
CA ILE A 249 0.01 -1.78 -13.47
C ILE A 249 1.14 -2.71 -13.89
N GLU A 250 1.93 -2.26 -14.85
CA GLU A 250 3.01 -3.07 -15.43
C GLU A 250 4.35 -2.44 -15.04
N ILE A 251 5.18 -3.18 -14.31
CA ILE A 251 6.46 -2.70 -13.75
C ILE A 251 7.58 -3.56 -14.31
N PRO A 252 8.24 -3.12 -15.40
CA PRO A 252 9.43 -3.82 -15.89
C PRO A 252 10.58 -3.57 -14.92
N PHE A 253 11.51 -4.50 -14.85
CA PHE A 253 12.72 -4.31 -14.03
C PHE A 253 13.92 -4.93 -14.72
N LYS A 254 15.07 -4.31 -14.44
CA LYS A 254 16.41 -4.86 -14.71
C LYS A 254 17.27 -4.53 -13.50
N PHE A 255 17.60 -5.54 -12.69
CA PHE A 255 18.42 -5.38 -11.47
C PHE A 255 19.87 -5.64 -11.81
N HIS A 256 20.75 -4.75 -11.37
CA HIS A 256 22.22 -4.93 -11.37
C HIS A 256 22.58 -5.59 -10.05
N MET A 257 22.82 -6.90 -10.06
CA MET A 257 22.99 -7.71 -8.85
C MET A 257 24.28 -7.27 -8.14
N LEU A 258 24.19 -6.98 -6.85
CA LEU A 258 25.31 -6.48 -6.01
C LEU A 258 25.82 -7.61 -5.13
N HIS A 259 25.06 -8.71 -5.04
CA HIS A 259 25.37 -9.88 -4.18
C HIS A 259 25.22 -11.16 -4.99
N SER A 260 25.93 -12.20 -4.58
CA SER A 260 25.93 -13.54 -5.21
C SER A 260 25.14 -14.49 -4.30
N GLY A 261 24.19 -15.22 -4.88
CA GLY A 261 23.38 -16.17 -4.11
C GLY A 261 22.08 -16.47 -4.78
N LEU A 262 21.24 -17.26 -4.13
CA LEU A 262 19.90 -17.59 -4.64
C LEU A 262 18.97 -16.40 -4.42
N VAL A 263 18.33 -15.96 -5.49
CA VAL A 263 17.20 -14.99 -5.42
C VAL A 263 15.91 -15.77 -5.22
N HIS A 264 15.26 -15.58 -4.07
CA HIS A 264 14.02 -16.33 -3.72
C HIS A 264 12.77 -15.58 -4.19
N GLY A 265 12.84 -14.29 -4.44
CA GLY A 265 11.66 -13.52 -4.87
C GLY A 265 11.91 -12.04 -4.90
N LEU A 266 10.84 -11.25 -4.93
CA LEU A 266 10.92 -9.78 -4.93
C LEU A 266 10.30 -9.25 -3.64
N ALA A 267 10.94 -8.23 -3.08
CA ALA A 267 10.46 -7.44 -1.93
C ALA A 267 9.88 -6.12 -2.44
N PHE A 268 8.81 -5.67 -1.81
CA PHE A 268 8.03 -4.48 -2.21
C PHE A 268 7.87 -3.58 -0.99
N TRP A 269 7.97 -2.28 -1.23
CA TRP A 269 7.60 -1.24 -0.25
C TRP A 269 7.22 0.02 -1.03
N PHE A 270 6.87 1.10 -0.35
CA PHE A 270 6.42 2.32 -1.06
C PHE A 270 6.73 3.53 -0.20
N ASP A 271 6.89 4.65 -0.90
CA ASP A 271 7.00 6.01 -0.33
C ASP A 271 5.88 6.86 -0.91
N VAL A 272 5.33 7.79 -0.14
CA VAL A 272 4.49 8.86 -0.74
C VAL A 272 5.09 10.20 -0.34
N ALA A 273 5.00 11.18 -1.23
CA ALA A 273 5.51 12.55 -1.02
C ALA A 273 4.32 13.50 -1.01
N PHE A 274 4.32 14.39 -0.04
CA PHE A 274 3.39 15.54 0.11
C PHE A 274 4.16 16.77 -0.38
N ILE A 275 3.89 17.18 -1.61
CA ILE A 275 4.71 18.22 -2.30
C ILE A 275 4.03 19.56 -2.07
N GLY A 276 4.36 20.18 -0.95
CA GLY A 276 3.83 21.49 -0.56
C GLY A 276 4.66 22.63 -1.14
N SER A 277 4.18 23.85 -0.97
CA SER A 277 4.84 25.06 -1.50
C SER A 277 6.04 25.40 -0.61
N ILE A 278 6.04 24.98 0.66
CA ILE A 278 7.15 25.26 1.62
C ILE A 278 8.10 24.07 1.67
N MET A 279 7.58 22.84 1.73
CA MET A 279 8.49 21.70 1.65
C MET A 279 7.78 20.42 1.22
N THR A 280 8.59 19.49 0.75
CA THR A 280 8.21 18.11 0.41
C THR A 280 8.48 17.25 1.65
N VAL A 281 7.45 16.57 2.12
CA VAL A 281 7.55 15.63 3.27
C VAL A 281 7.27 14.23 2.72
N TRP A 282 8.13 13.27 3.09
CA TRP A 282 8.05 11.85 2.67
C TRP A 282 7.49 10.99 3.80
N LEU A 283 6.52 10.13 3.49
CA LEU A 283 6.16 8.95 4.32
C LEU A 283 6.73 7.71 3.63
N SER A 284 7.77 7.11 4.20
CA SER A 284 8.47 5.95 3.62
C SER A 284 8.12 4.69 4.42
N THR A 285 7.83 3.57 3.72
CA THR A 285 7.63 2.25 4.36
C THR A 285 8.81 1.34 4.01
N ALA A 286 9.94 1.92 3.60
CA ALA A 286 11.19 1.20 3.25
C ALA A 286 11.72 0.45 4.46
N PRO A 287 12.40 -0.67 4.25
CA PRO A 287 12.96 -1.43 5.38
C PRO A 287 14.20 -0.76 6.00
N THR A 288 14.69 0.34 5.41
CA THR A 288 15.75 1.21 5.99
C THR A 288 15.14 2.23 6.96
N GLU A 289 13.81 2.28 7.05
CA GLU A 289 13.07 3.31 7.83
C GLU A 289 12.36 2.65 8.99
N PRO A 290 11.96 3.43 10.03
CA PRO A 290 11.15 2.89 11.11
C PRO A 290 9.94 2.12 10.58
N LEU A 291 9.59 1.05 11.28
CA LEU A 291 8.52 0.13 10.85
C LEU A 291 7.18 0.86 10.93
N THR A 292 6.31 0.59 9.97
CA THR A 292 4.91 1.06 9.94
C THR A 292 3.98 -0.15 9.93
N HIS A 293 2.68 0.08 10.03
CA HIS A 293 1.65 -0.97 9.93
C HIS A 293 1.52 -1.49 8.49
N TRP A 294 2.21 -0.90 7.52
CA TRP A 294 2.31 -1.43 6.13
C TRP A 294 3.38 -2.52 6.06
N TYR A 295 4.30 -2.56 7.03
CA TYR A 295 5.47 -3.48 7.01
C TYR A 295 6.13 -3.39 5.62
N GLN A 296 6.48 -4.54 5.06
CA GLN A 296 6.92 -4.69 3.65
C GLN A 296 6.25 -5.97 3.12
N VAL A 297 6.32 -6.22 1.82
CA VAL A 297 5.65 -7.40 1.23
C VAL A 297 6.66 -8.15 0.40
N ARG A 298 6.66 -9.47 0.53
CA ARG A 298 7.55 -10.31 -0.29
C ARG A 298 6.75 -11.33 -1.08
N CYS A 299 7.08 -11.47 -2.36
CA CYS A 299 6.49 -12.47 -3.27
C CYS A 299 7.59 -13.44 -3.68
N LEU A 300 7.44 -14.72 -3.31
CA LEU A 300 8.39 -15.78 -3.72
C LEU A 300 8.25 -16.07 -5.23
N PHE A 301 9.36 -16.42 -5.86
CA PHE A 301 9.34 -17.19 -7.13
C PHE A 301 8.94 -18.62 -6.79
N GLN A 302 8.38 -19.37 -7.75
CA GLN A 302 8.09 -20.80 -7.56
C GLN A 302 9.41 -21.56 -7.30
N SER A 303 10.52 -21.11 -7.89
N SER A 303 10.51 -21.09 -7.87
CA SER A 303 11.86 -21.73 -7.74
CA SER A 303 11.85 -21.72 -7.75
C SER A 303 12.91 -20.64 -7.74
C SER A 303 12.92 -20.62 -7.73
N PRO A 304 13.92 -20.73 -6.86
CA PRO A 304 14.94 -19.68 -6.76
C PRO A 304 15.92 -19.68 -7.94
N LEU A 305 16.52 -18.52 -8.17
CA LEU A 305 17.45 -18.26 -9.30
C LEU A 305 18.82 -17.91 -8.74
N PHE A 306 19.86 -18.57 -9.22
CA PHE A 306 21.25 -18.24 -8.81
C PHE A 306 21.71 -17.06 -9.64
N ALA A 307 22.16 -16.02 -8.98
CA ALA A 307 22.73 -14.80 -9.57
C ALA A 307 24.10 -14.53 -8.92
N LYS A 308 25.10 -14.20 -9.71
CA LYS A 308 26.38 -13.70 -9.15
C LYS A 308 26.36 -12.17 -9.20
N ALA A 309 27.06 -11.52 -8.29
CA ALA A 309 27.29 -10.05 -8.36
C ALA A 309 27.76 -9.70 -9.78
N GLY A 310 27.13 -8.68 -10.38
CA GLY A 310 27.41 -8.23 -11.76
C GLY A 310 26.44 -8.78 -12.78
N ASP A 311 25.75 -9.87 -12.48
CA ASP A 311 24.65 -10.41 -13.33
C ASP A 311 23.51 -9.38 -13.37
N THR A 312 22.61 -9.52 -14.33
CA THR A 312 21.36 -8.74 -14.41
C THR A 312 20.19 -9.70 -14.28
N LEU A 313 19.21 -9.32 -13.48
CA LEU A 313 17.94 -10.05 -13.30
C LEU A 313 16.84 -9.20 -13.91
N SER A 314 16.25 -9.65 -15.01
CA SER A 314 15.30 -8.85 -15.79
C SER A 314 13.93 -9.54 -15.82
N GLY A 315 12.88 -8.76 -15.90
CA GLY A 315 11.53 -9.32 -15.94
C GLY A 315 10.50 -8.27 -15.72
N THR A 316 9.31 -8.70 -15.31
CA THR A 316 8.11 -7.84 -15.21
C THR A 316 7.32 -8.26 -13.98
N CYS A 317 6.88 -7.27 -13.21
N CYS A 317 6.82 -7.27 -13.27
CA CYS A 317 5.76 -7.38 -12.23
CA CYS A 317 5.78 -7.45 -12.25
C CYS A 317 4.51 -6.79 -12.86
C CYS A 317 4.48 -6.79 -12.74
N LEU A 318 3.43 -7.58 -12.93
CA LEU A 318 2.14 -7.11 -13.47
C LEU A 318 1.09 -7.24 -12.36
N LEU A 319 0.46 -6.13 -11.99
CA LEU A 319 -0.67 -6.10 -11.05
C LEU A 319 -1.94 -5.89 -11.86
N ILE A 320 -2.89 -6.82 -11.78
CA ILE A 320 -4.21 -6.76 -12.47
C ILE A 320 -5.28 -6.74 -11.40
N ALA A 321 -6.05 -5.65 -11.35
CA ALA A 321 -7.18 -5.49 -10.41
C ALA A 321 -8.13 -6.67 -10.62
N ASN A 322 -8.51 -7.36 -9.55
CA ASN A 322 -9.58 -8.41 -9.53
C ASN A 322 -10.78 -7.82 -8.78
N LYS A 323 -11.89 -8.57 -8.66
CA LYS A 323 -13.20 -8.05 -8.18
C LYS A 323 -13.27 -8.08 -6.65
N ARG A 324 -12.15 -8.33 -5.96
CA ARG A 324 -12.11 -8.52 -4.48
C ARG A 324 -11.45 -7.29 -3.84
N GLN A 325 -11.59 -6.13 -4.48
CA GLN A 325 -10.88 -4.88 -4.14
C GLN A 325 -9.40 -5.18 -3.94
N SER A 326 -8.86 -6.16 -4.70
CA SER A 326 -7.44 -6.55 -4.64
C SER A 326 -6.85 -6.80 -6.03
N TYR A 327 -5.67 -7.42 -6.06
CA TYR A 327 -4.84 -7.55 -7.29
C TYR A 327 -4.32 -8.97 -7.37
N ASP A 328 -4.34 -9.50 -8.59
N ASP A 328 -4.26 -9.48 -8.60
CA ASP A 328 -3.46 -10.60 -9.05
CA ASP A 328 -3.47 -10.69 -8.94
C ASP A 328 -2.07 -10.02 -9.28
C ASP A 328 -2.10 -10.21 -9.44
N ILE A 329 -1.04 -10.72 -8.83
CA ILE A 329 0.37 -10.29 -8.99
C ILE A 329 1.05 -11.35 -9.84
N SER A 330 1.47 -10.99 -11.03
CA SER A 330 2.27 -11.88 -11.90
C SER A 330 3.71 -11.38 -11.88
N ILE A 331 4.63 -12.24 -11.53
CA ILE A 331 6.08 -11.94 -11.56
C ILE A 331 6.76 -12.96 -12.47
N VAL A 332 7.51 -12.47 -13.44
N VAL A 332 7.54 -12.47 -13.42
CA VAL A 332 8.44 -13.30 -14.25
CA VAL A 332 8.44 -13.29 -14.29
C VAL A 332 9.83 -12.67 -14.12
C VAL A 332 9.83 -12.67 -14.19
N ALA A 333 10.87 -13.48 -14.01
CA ALA A 333 12.26 -13.00 -13.87
C ALA A 333 13.20 -14.01 -14.50
N GLN A 334 14.29 -13.51 -15.07
CA GLN A 334 15.35 -14.36 -15.62
C GLN A 334 16.70 -13.72 -15.31
N VAL A 335 17.69 -14.55 -15.00
CA VAL A 335 19.11 -14.13 -14.92
C VAL A 335 19.60 -14.08 -16.37
N ASP A 336 19.94 -12.89 -16.86
CA ASP A 336 20.25 -12.65 -18.30
C ASP A 336 21.44 -13.52 -18.70
N GLN A 337 22.42 -13.66 -17.82
CA GLN A 337 23.72 -14.28 -18.17
C GLN A 337 23.56 -15.81 -18.30
N THR A 338 22.52 -16.41 -17.70
CA THR A 338 22.31 -17.90 -17.70
C THR A 338 21.03 -18.30 -18.43
N GLY A 339 20.03 -17.42 -18.53
CA GLY A 339 18.72 -17.76 -19.11
C GLY A 339 17.80 -18.47 -18.11
N SER A 340 18.29 -18.74 -16.91
CA SER A 340 17.52 -19.38 -15.81
C SER A 340 16.35 -18.47 -15.44
N LYS A 341 15.11 -18.98 -15.49
CA LYS A 341 13.90 -18.14 -15.30
C LYS A 341 12.96 -18.78 -14.28
N SER A 342 12.14 -17.95 -13.66
CA SER A 342 11.06 -18.42 -12.77
C SER A 342 9.95 -17.40 -12.80
N SER A 343 8.85 -17.74 -12.17
CA SER A 343 7.64 -16.92 -12.15
C SER A 343 6.83 -17.27 -10.93
N ASN A 344 5.76 -16.51 -10.72
CA ASN A 344 4.69 -16.86 -9.77
C ASN A 344 3.48 -16.02 -10.11
N LEU A 345 2.33 -16.48 -9.66
CA LEU A 345 1.09 -15.71 -9.74
C LEU A 345 0.50 -15.75 -8.33
N LEU A 346 0.42 -14.59 -7.71
CA LEU A 346 0.00 -14.46 -6.30
C LEU A 346 -1.32 -13.70 -6.22
N ASP A 347 -2.01 -13.88 -5.12
CA ASP A 347 -3.30 -13.18 -4.89
C ASP A 347 -3.14 -12.33 -3.64
N LEU A 348 -3.19 -11.02 -3.81
CA LEU A 348 -2.94 -10.07 -2.72
C LEU A 348 -4.18 -10.01 -1.83
N LYS A 349 -5.26 -10.72 -2.19
CA LYS A 349 -6.47 -10.84 -1.32
C LYS A 349 -6.16 -11.75 -0.12
N ASN A 350 -5.22 -12.69 -0.27
CA ASN A 350 -4.93 -13.76 0.72
C ASN A 350 -3.49 -13.63 1.23
N PRO A 351 -3.05 -12.47 1.77
CA PRO A 351 -1.67 -12.31 2.21
C PRO A 351 -1.42 -13.14 3.47
N PHE A 352 -0.19 -13.58 3.65
CA PHE A 352 0.23 -14.24 4.92
C PHE A 352 0.86 -13.19 5.83
N PHE A 353 0.24 -12.93 6.97
CA PHE A 353 0.75 -11.97 7.98
C PHE A 353 1.72 -12.71 8.87
N ARG A 354 3.02 -12.63 8.59
CA ARG A 354 4.07 -13.48 9.20
C ARG A 354 4.70 -12.77 10.41
N TYR A 355 4.57 -11.44 10.49
N TYR A 355 4.52 -11.45 10.52
CA TYR A 355 5.20 -10.60 11.55
CA TYR A 355 5.14 -10.57 11.55
C TYR A 355 4.76 -11.07 12.94
C TYR A 355 4.74 -11.02 12.96
N THR A 356 5.75 -11.22 13.84
CA THR A 356 5.59 -11.80 15.20
C THR A 356 6.28 -10.90 16.23
#